data_5EFK
#
_entry.id   5EFK
#
_cell.length_a   83.277
_cell.length_b   94.667
_cell.length_c   51.622
_cell.angle_alpha   90.00
_cell.angle_beta   90.00
_cell.angle_gamma   90.00
#
_symmetry.space_group_name_H-M   'P 21 21 2'
#
loop_
_entity.id
_entity.type
_entity.pdbx_description
1 polymer 'Hdac6 protein'
2 polymer 'alpha tubulin K40 tripeptide'
3 non-polymer 'ZINC ION'
4 non-polymer 'POTASSIUM ION'
5 non-polymer GLYCEROL
6 non-polymer DI(HYDROXYETHYL)ETHER
7 non-polymer 'NITRATE ION'
8 non-polymer 1,2-ETHANEDIOL
9 non-polymer 7-AMINO-4-METHYL-CHROMEN-2-ONE
10 water water
#
loop_
_entity_poly.entity_id
_entity_poly.type
_entity_poly.pdbx_seq_one_letter_code
_entity_poly.pdbx_strand_id
1 'polypeptide(L)'
;SNAGGSSPITGLVYDQRMMLHHNMWDSHHPELPQRISRIFSRHEELRLLSRCHRIPARLATEEELALCHSSKHISIIKSS
EHMKPRDLNRLGDEYNSIFISNESYTCALLAAGSCFNSAQAILTGQVRNAVAIVRPPGHHAEKDTACGFCFFNTAALTAR
YAQSITRESLRVLIVDWDVHHGNGTQHIFEEDDSVLYISLHRYEDGAFFPNSEDANYDKVGLGKGRGYNVNIPWNGGKMG
DPEYMAAFHHLVMPIAREFAPELVLVSAGFDAARGDPLGGFQVTPEGYAHLTHQLMSLAAGRVLIILEGGFNLTSISESM
SMCTSMLLGDSPPSLDHLTPLKTSATVSINNVLRAHAPFWSSLR
;
B
2 'polypeptide(L)' SD(ALY) A
#
# COMPACT_ATOMS: atom_id res chain seq x y z
N ILE A 9 16.57 -11.45 -9.77
CA ILE A 9 17.08 -10.29 -9.06
C ILE A 9 15.97 -9.31 -8.66
N THR A 10 16.36 -8.24 -7.97
CA THR A 10 15.38 -7.32 -7.40
C THR A 10 15.46 -5.97 -8.07
N GLY A 11 14.32 -5.44 -8.52
CA GLY A 11 14.25 -4.11 -9.10
C GLY A 11 13.99 -3.03 -8.05
N LEU A 12 14.45 -1.82 -8.32
CA LEU A 12 14.17 -0.69 -7.43
C LEU A 12 13.90 0.54 -8.27
N VAL A 13 12.81 1.25 -7.97
CA VAL A 13 12.54 2.49 -8.67
C VAL A 13 12.44 3.63 -7.66
N TYR A 14 13.09 4.74 -7.98
CA TYR A 14 13.07 5.95 -7.16
C TYR A 14 13.44 7.11 -8.06
N ASP A 15 12.71 8.21 -7.91
CA ASP A 15 13.01 9.41 -8.68
C ASP A 15 12.79 10.63 -7.79
N GLN A 16 13.85 11.41 -7.60
CA GLN A 16 13.80 12.55 -6.69
C GLN A 16 12.79 13.60 -7.12
N ARG A 17 12.35 13.58 -8.38
CA ARG A 17 11.33 14.52 -8.84
C ARG A 17 10.03 14.38 -8.05
N MET A 18 9.79 13.20 -7.47
CA MET A 18 8.59 13.01 -6.65
C MET A 18 8.65 13.78 -5.32
N MET A 19 9.81 14.36 -5.01
CA MET A 19 9.92 15.25 -3.86
C MET A 19 9.28 16.62 -4.09
N LEU A 20 8.97 16.95 -5.35
CA LEU A 20 8.51 18.31 -5.65
C LEU A 20 7.11 18.61 -5.10
N HIS A 21 6.29 17.58 -4.96
CA HIS A 21 4.98 17.70 -4.32
C HIS A 21 5.17 18.15 -2.87
N HIS A 22 4.59 19.28 -2.51
CA HIS A 22 4.82 19.82 -1.17
C HIS A 22 3.64 20.64 -0.67
N ASN A 23 3.62 20.84 0.65
CA ASN A 23 2.61 21.65 1.31
C ASN A 23 3.15 23.07 1.52
N MET A 24 2.67 24.02 0.72
CA MET A 24 3.21 25.38 0.76
C MET A 24 2.73 26.18 1.99
N TRP A 25 1.75 25.65 2.72
CA TRP A 25 1.20 26.35 3.88
C TRP A 25 1.69 25.77 5.20
N ASP A 26 2.18 24.54 5.16
CA ASP A 26 2.58 23.84 6.37
C ASP A 26 3.71 22.91 6.00
N SER A 27 4.94 23.42 6.10
CA SER A 27 6.10 22.68 5.61
C SER A 27 6.47 21.50 6.52
N HIS A 28 5.76 21.35 7.63
CA HIS A 28 6.00 20.25 8.55
C HIS A 28 4.88 19.20 8.48
N HIS A 29 3.99 19.34 7.50
CA HIS A 29 2.97 18.33 7.26
C HIS A 29 3.68 16.98 7.13
N PRO A 30 3.15 15.94 7.80
CA PRO A 30 3.86 14.64 7.90
C PRO A 30 4.16 13.98 6.55
N GLU A 31 3.40 14.24 5.51
CA GLU A 31 3.68 13.61 4.20
C GLU A 31 4.76 14.42 3.49
N LEU A 32 5.99 14.30 4.00
CA LEU A 32 7.13 15.12 3.60
C LEU A 32 7.84 14.62 2.34
N PRO A 33 8.36 15.55 1.53
CA PRO A 33 9.22 15.15 0.39
C PRO A 33 10.35 14.23 0.82
N GLN A 34 10.95 14.46 1.99
CA GLN A 34 12.12 13.70 2.37
C GLN A 34 11.79 12.28 2.84
N ARG A 35 10.50 11.93 2.86
CA ARG A 35 10.14 10.54 3.13
C ARG A 35 10.85 9.62 2.12
N ILE A 36 10.83 9.98 0.84
CA ILE A 36 11.38 9.05 -0.14
C ILE A 36 12.90 9.18 -0.25
N SER A 37 13.43 10.39 -0.10
CA SER A 37 14.89 10.55 -0.15
C SER A 37 15.55 9.88 1.05
N ARG A 38 14.92 9.92 2.23
CA ARG A 38 15.46 9.22 3.38
C ARG A 38 15.44 7.71 3.20
N ILE A 39 14.36 7.17 2.63
CA ILE A 39 14.33 5.74 2.37
C ILE A 39 15.40 5.36 1.35
N PHE A 40 15.50 6.15 0.28
CA PHE A 40 16.50 5.90 -0.76
C PHE A 40 17.91 5.92 -0.17
N SER A 41 18.21 6.93 0.64
CA SER A 41 19.53 7.06 1.27
C SER A 41 19.89 5.86 2.13
N ARG A 42 18.91 5.36 2.87
CA ARG A 42 19.16 4.24 3.76
C ARG A 42 19.48 2.98 2.96
N HIS A 43 18.83 2.83 1.80
CA HIS A 43 19.13 1.71 0.90
C HIS A 43 20.57 1.82 0.40
N GLU A 44 20.99 3.05 0.12
CA GLU A 44 22.36 3.28 -0.35
C GLU A 44 23.34 2.94 0.77
N GLU A 45 23.08 3.48 1.96
CA GLU A 45 23.91 3.22 3.14
C GLU A 45 24.07 1.75 3.48
N LEU A 46 23.00 0.97 3.37
CA LEU A 46 23.04 -0.46 3.70
C LEU A 46 23.52 -1.31 2.53
N ARG A 47 23.97 -0.65 1.47
CA ARG A 47 24.47 -1.32 0.26
C ARG A 47 23.42 -2.23 -0.38
N LEU A 48 22.15 -1.87 -0.23
CA LEU A 48 21.06 -2.57 -0.88
C LEU A 48 20.85 -2.02 -2.28
N LEU A 49 21.04 -0.72 -2.42
CA LEU A 49 20.85 -0.05 -3.70
C LEU A 49 21.72 -0.69 -4.79
N SER A 50 23.00 -0.93 -4.48
CA SER A 50 23.93 -1.44 -5.48
C SER A 50 23.63 -2.88 -5.88
N ARG A 51 22.79 -3.56 -5.11
CA ARG A 51 22.44 -4.95 -5.37
C ARG A 51 21.15 -5.05 -6.21
N CYS A 52 20.47 -3.93 -6.40
CA CYS A 52 19.24 -3.90 -7.16
C CYS A 52 19.43 -3.48 -8.60
N HIS A 53 18.53 -3.93 -9.46
CA HIS A 53 18.45 -3.41 -10.82
C HIS A 53 17.60 -2.14 -10.80
N ARG A 54 18.18 -1.04 -11.24
CA ARG A 54 17.46 0.23 -11.22
C ARG A 54 16.42 0.31 -12.34
N ILE A 55 15.14 0.44 -11.96
CA ILE A 55 14.06 0.58 -12.93
C ILE A 55 13.71 2.07 -13.07
N PRO A 56 13.64 2.56 -14.31
CA PRO A 56 13.35 3.98 -14.47
C PRO A 56 11.93 4.36 -14.12
N ALA A 57 11.75 5.53 -13.51
CA ALA A 57 10.43 6.12 -13.35
C ALA A 57 9.89 6.56 -14.72
N ARG A 58 8.57 6.67 -14.82
CA ARG A 58 7.95 7.32 -15.96
C ARG A 58 6.63 7.91 -15.51
N LEU A 59 6.09 8.80 -16.33
CA LEU A 59 4.74 9.29 -16.09
C LEU A 59 3.73 8.22 -16.47
N ALA A 60 2.73 8.03 -15.63
CA ALA A 60 1.52 7.37 -16.05
C ALA A 60 0.85 8.22 -17.12
N THR A 61 0.18 7.58 -18.06
CA THR A 61 -0.65 8.30 -19.02
C THR A 61 -2.07 8.46 -18.47
N GLU A 62 -2.81 9.41 -19.03
CA GLU A 62 -4.19 9.63 -18.60
C GLU A 62 -5.06 8.42 -18.93
N GLU A 63 -4.76 7.74 -20.03
CA GLU A 63 -5.45 6.50 -20.35
C GLU A 63 -5.22 5.46 -19.27
N GLU A 64 -4.00 5.40 -18.76
CA GLU A 64 -3.70 4.45 -17.69
C GLU A 64 -4.43 4.81 -16.40
N LEU A 65 -4.52 6.09 -16.08
CA LEU A 65 -5.27 6.53 -14.89
C LEU A 65 -6.74 6.14 -14.99
N ALA A 66 -7.26 6.16 -16.22
CA ALA A 66 -8.67 5.82 -16.45
C ALA A 66 -8.97 4.34 -16.22
N LEU A 67 -7.94 3.53 -16.00
CA LEU A 67 -8.15 2.13 -15.62
C LEU A 67 -8.95 2.05 -14.33
N CYS A 68 -8.74 3.02 -13.42
CA CYS A 68 -9.47 3.06 -12.15
C CYS A 68 -10.20 4.38 -11.87
N HIS A 69 -9.82 5.47 -12.53
CA HIS A 69 -10.39 6.76 -12.16
C HIS A 69 -11.29 7.36 -13.22
N SER A 70 -12.25 8.18 -12.79
CA SER A 70 -13.15 8.87 -13.70
C SER A 70 -12.41 9.97 -14.45
N SER A 71 -12.88 10.26 -15.67
CA SER A 71 -12.24 11.32 -16.44
C SER A 71 -12.37 12.65 -15.71
N LYS A 72 -13.47 12.85 -15.00
CA LYS A 72 -13.66 14.07 -14.21
C LYS A 72 -12.57 14.24 -13.15
N HIS A 73 -12.32 13.19 -12.38
CA HIS A 73 -11.31 13.26 -11.34
C HIS A 73 -9.93 13.53 -11.94
N ILE A 74 -9.61 12.82 -13.02
CA ILE A 74 -8.33 12.99 -13.69
C ILE A 74 -8.16 14.44 -14.14
N SER A 75 -9.20 14.96 -14.76
CA SER A 75 -9.21 16.31 -15.29
C SER A 75 -9.01 17.35 -14.18
N ILE A 76 -9.72 17.17 -13.07
CA ILE A 76 -9.63 18.10 -11.94
C ILE A 76 -8.23 18.13 -11.34
N ILE A 77 -7.65 16.97 -11.04
CA ILE A 77 -6.30 16.96 -10.50
C ILE A 77 -5.31 17.50 -11.54
N LYS A 78 -5.49 17.15 -12.81
CA LYS A 78 -4.62 17.69 -13.85
C LYS A 78 -4.68 19.22 -13.89
N SER A 79 -5.87 19.77 -13.70
CA SER A 79 -6.04 21.22 -13.79
C SER A 79 -5.25 21.96 -12.69
N SER A 80 -4.94 21.25 -11.60
CA SER A 80 -4.28 21.88 -10.45
C SER A 80 -2.88 22.34 -10.80
N GLU A 81 -2.31 21.72 -11.83
CA GLU A 81 -1.00 22.08 -12.35
C GLU A 81 -0.86 23.58 -12.67
N HIS A 82 -1.97 24.20 -13.05
CA HIS A 82 -1.95 25.58 -13.52
C HIS A 82 -2.59 26.56 -12.54
N MET A 83 -2.94 26.08 -11.35
CA MET A 83 -3.65 26.91 -10.39
C MET A 83 -2.72 27.81 -9.59
N LYS A 84 -3.23 29.01 -9.27
CA LYS A 84 -2.56 29.90 -8.35
C LYS A 84 -2.76 29.34 -6.94
N PRO A 85 -1.91 29.74 -5.99
CA PRO A 85 -1.98 29.25 -4.60
C PRO A 85 -3.38 29.26 -3.99
N ARG A 86 -4.13 30.32 -4.23
CA ARG A 86 -5.48 30.45 -3.69
C ARG A 86 -6.40 29.33 -4.16
N ASP A 87 -6.31 28.99 -5.44
CA ASP A 87 -7.17 27.95 -5.98
C ASP A 87 -6.67 26.54 -5.63
N LEU A 88 -5.36 26.40 -5.45
CA LEU A 88 -4.80 25.14 -4.94
C LEU A 88 -5.35 24.84 -3.55
N ASN A 89 -5.38 25.88 -2.73
CA ASN A 89 -5.94 25.76 -1.38
C ASN A 89 -7.42 25.40 -1.43
N ARG A 90 -8.17 26.10 -2.27
CA ARG A 90 -9.59 25.82 -2.42
C ARG A 90 -9.86 24.40 -2.90
N LEU A 91 -9.11 23.95 -3.90
CA LEU A 91 -9.31 22.60 -4.44
C LEU A 91 -8.95 21.54 -3.40
N GLY A 92 -7.78 21.69 -2.77
CA GLY A 92 -7.37 20.77 -1.73
C GLY A 92 -8.41 20.62 -0.62
N ASP A 93 -9.06 21.74 -0.27
CA ASP A 93 -10.04 21.74 0.80
C ASP A 93 -11.32 21.03 0.42
N GLU A 94 -11.51 20.75 -0.86
CA GLU A 94 -12.69 20.00 -1.29
C GLU A 94 -12.59 18.53 -0.92
N TYR A 95 -11.39 18.08 -0.56
CA TYR A 95 -11.16 16.68 -0.20
C TYR A 95 -10.90 16.51 1.29
N ASN A 96 -10.98 15.27 1.75
CA ASN A 96 -10.58 14.92 3.11
C ASN A 96 -9.06 14.77 3.17
N SER A 97 -8.40 15.66 3.92
CA SER A 97 -6.97 15.55 4.19
C SER A 97 -6.10 15.52 2.92
N ILE A 98 -6.13 16.61 2.15
CA ILE A 98 -5.33 16.74 0.93
C ILE A 98 -4.67 18.11 0.90
N PHE A 99 -3.39 18.17 0.53
CA PHE A 99 -2.76 19.43 0.14
C PHE A 99 -2.23 19.29 -1.28
N ILE A 100 -2.26 20.38 -2.03
CA ILE A 100 -1.90 20.37 -3.45
C ILE A 100 -0.94 21.50 -3.79
N SER A 101 0.13 21.17 -4.51
CA SER A 101 1.00 22.18 -5.12
C SER A 101 0.97 21.99 -6.64
N ASN A 102 1.63 22.89 -7.38
CA ASN A 102 1.59 22.82 -8.84
C ASN A 102 2.28 21.53 -9.34
N GLU A 103 3.14 20.96 -8.51
CA GLU A 103 3.87 19.77 -8.89
C GLU A 103 3.15 18.46 -8.54
N SER A 104 2.05 18.55 -7.80
CA SER A 104 1.37 17.36 -7.28
C SER A 104 0.95 16.36 -8.35
N TYR A 105 0.29 16.85 -9.38
CA TYR A 105 -0.19 16.00 -10.47
C TYR A 105 0.97 15.22 -11.09
N THR A 106 2.05 15.93 -11.44
CA THR A 106 3.22 15.30 -12.02
C THR A 106 3.80 14.20 -11.10
N CYS A 107 3.90 14.51 -9.81
CA CYS A 107 4.43 13.55 -8.86
C CYS A 107 3.51 12.32 -8.74
N ALA A 108 2.21 12.54 -8.74
CA ALA A 108 1.26 11.42 -8.67
C ALA A 108 1.35 10.56 -9.93
N LEU A 109 1.55 11.20 -11.09
CA LEU A 109 1.80 10.47 -12.32
C LEU A 109 3.09 9.65 -12.25
N LEU A 110 4.15 10.25 -11.72
CA LEU A 110 5.44 9.54 -11.60
C LEU A 110 5.33 8.37 -10.64
N ALA A 111 4.57 8.54 -9.56
CA ALA A 111 4.41 7.46 -8.60
C ALA A 111 3.74 6.27 -9.27
N ALA A 112 2.67 6.55 -10.02
CA ALA A 112 1.94 5.50 -10.71
C ALA A 112 2.79 4.87 -11.83
N GLY A 113 3.38 5.70 -12.68
CA GLY A 113 4.18 5.20 -13.79
C GLY A 113 5.37 4.35 -13.34
N SER A 114 6.00 4.75 -12.24
CA SER A 114 7.10 3.98 -11.64
C SER A 114 6.66 2.56 -11.28
N CYS A 115 5.47 2.44 -10.70
CA CYS A 115 4.95 1.14 -10.31
C CYS A 115 4.55 0.31 -11.53
N PHE A 116 4.03 0.95 -12.59
CA PHE A 116 3.72 0.21 -13.83
C PHE A 116 5.02 -0.39 -14.39
N ASN A 117 6.07 0.42 -14.44
CA ASN A 117 7.35 -0.05 -14.97
C ASN A 117 7.92 -1.18 -14.12
N SER A 118 7.67 -1.11 -12.82
CA SER A 118 8.10 -2.17 -11.91
C SER A 118 7.33 -3.45 -12.11
N ALA A 119 6.01 -3.36 -12.22
CA ALA A 119 5.17 -4.52 -12.53
C ALA A 119 5.57 -5.11 -13.89
N GLN A 120 5.78 -4.23 -14.87
CA GLN A 120 6.24 -4.70 -16.18
C GLN A 120 7.56 -5.48 -16.09
N ALA A 121 8.53 -4.94 -15.35
CA ALA A 121 9.84 -5.59 -15.17
C ALA A 121 9.67 -7.00 -14.59
N ILE A 122 8.78 -7.13 -13.62
CA ILE A 122 8.49 -8.45 -13.05
C ILE A 122 7.81 -9.38 -14.07
N LEU A 123 6.78 -8.88 -14.73
CA LEU A 123 5.94 -9.72 -15.57
C LEU A 123 6.64 -10.12 -16.88
N THR A 124 7.63 -9.33 -17.31
CA THR A 124 8.45 -9.69 -18.47
C THR A 124 9.65 -10.55 -18.09
N GLY A 125 9.89 -10.72 -16.80
CA GLY A 125 10.96 -11.58 -16.34
C GLY A 125 12.29 -10.87 -16.22
N GLN A 126 12.29 -9.55 -16.32
CA GLN A 126 13.53 -8.79 -16.17
C GLN A 126 14.01 -8.86 -14.72
N VAL A 127 13.08 -8.82 -13.77
CA VAL A 127 13.39 -9.01 -12.36
C VAL A 127 12.39 -10.00 -11.74
N ARG A 128 12.74 -10.56 -10.59
CA ARG A 128 11.83 -11.48 -9.89
C ARG A 128 10.86 -10.69 -9.03
N ASN A 129 11.37 -9.65 -8.40
CA ASN A 129 10.56 -8.85 -7.49
C ASN A 129 11.07 -7.40 -7.49
N ALA A 130 10.38 -6.50 -6.78
CA ALA A 130 10.77 -5.10 -6.88
C ALA A 130 10.23 -4.25 -5.75
N VAL A 131 10.87 -3.12 -5.54
CA VAL A 131 10.44 -2.16 -4.53
C VAL A 131 10.27 -0.79 -5.19
N ALA A 132 9.23 -0.06 -4.80
CA ALA A 132 8.96 1.25 -5.40
C ALA A 132 8.92 2.33 -4.33
N ILE A 133 9.91 3.21 -4.35
CA ILE A 133 10.01 4.26 -3.34
C ILE A 133 9.36 5.50 -3.92
N VAL A 134 8.05 5.63 -3.70
CA VAL A 134 7.25 6.65 -4.38
C VAL A 134 6.37 7.48 -3.45
N ARG A 135 6.05 8.68 -3.89
CA ARG A 135 5.08 9.56 -3.24
C ARG A 135 4.55 10.51 -4.31
N PRO A 136 3.36 11.10 -4.10
CA PRO A 136 2.40 10.86 -3.01
C PRO A 136 1.84 9.45 -3.00
N PRO A 137 1.31 9.00 -1.84
CA PRO A 137 0.71 7.68 -1.69
C PRO A 137 -0.61 7.54 -2.47
N GLY A 138 -1.22 6.36 -2.42
CA GLY A 138 -2.35 6.09 -3.29
C GLY A 138 -3.62 5.45 -2.72
N HIS A 139 -3.52 4.61 -1.69
CA HIS A 139 -4.63 3.66 -1.45
C HIS A 139 -5.94 4.28 -0.89
N HIS A 140 -5.91 5.54 -0.43
CA HIS A 140 -7.14 6.23 -0.03
C HIS A 140 -7.88 6.83 -1.22
N ALA A 141 -7.19 6.96 -2.36
CA ALA A 141 -7.80 7.57 -3.54
C ALA A 141 -8.92 6.68 -4.09
N GLU A 142 -10.05 7.29 -4.41
CA GLU A 142 -11.21 6.58 -4.93
C GLU A 142 -11.28 6.81 -6.43
N LYS A 143 -12.15 6.07 -7.08
CA LYS A 143 -12.42 6.27 -8.50
C LYS A 143 -12.57 7.75 -8.84
N ASP A 144 -13.36 8.45 -8.02
CA ASP A 144 -13.79 9.79 -8.36
C ASP A 144 -13.30 10.86 -7.39
N THR A 145 -12.42 10.51 -6.45
CA THR A 145 -11.97 11.51 -5.51
C THR A 145 -10.59 11.25 -4.91
N ALA A 146 -9.94 12.33 -4.47
CA ALA A 146 -8.67 12.27 -3.74
C ALA A 146 -8.99 12.20 -2.25
N CYS A 147 -8.04 11.65 -1.48
CA CYS A 147 -8.27 11.47 -0.04
C CYS A 147 -7.01 11.06 0.71
N GLY A 148 -6.85 11.54 1.94
CA GLY A 148 -5.81 11.04 2.83
C GLY A 148 -4.41 11.06 2.27
N PHE A 149 -4.04 12.20 1.66
CA PHE A 149 -2.71 12.47 1.12
C PHE A 149 -2.54 11.80 -0.25
N CYS A 150 -3.61 11.15 -0.75
CA CYS A 150 -3.54 10.35 -1.98
C CYS A 150 -4.34 10.96 -3.15
N PHE A 151 -3.77 10.95 -4.35
CA PHE A 151 -4.44 11.51 -5.53
C PHE A 151 -5.00 10.46 -6.47
N PHE A 152 -4.17 9.49 -6.87
CA PHE A 152 -4.60 8.38 -7.72
C PHE A 152 -4.23 7.09 -7.00
N ASN A 153 -5.00 6.02 -7.20
CA ASN A 153 -4.74 4.82 -6.42
C ASN A 153 -3.70 3.98 -7.14
N THR A 154 -2.44 4.30 -6.86
CA THR A 154 -1.28 3.67 -7.49
C THR A 154 -1.30 2.14 -7.49
N ALA A 155 -1.61 1.53 -6.34
CA ALA A 155 -1.63 0.07 -6.24
C ALA A 155 -2.76 -0.52 -7.07
N ALA A 156 -3.95 0.07 -6.97
CA ALA A 156 -5.11 -0.37 -7.74
C ALA A 156 -4.83 -0.27 -9.23
N LEU A 157 -4.26 0.85 -9.65
CA LEU A 157 -3.92 1.06 -11.06
C LEU A 157 -2.90 0.05 -11.54
N THR A 158 -1.96 -0.29 -10.66
CA THR A 158 -0.90 -1.24 -11.02
C THR A 158 -1.48 -2.63 -11.22
N ALA A 159 -2.48 -2.99 -10.42
CA ALA A 159 -3.12 -4.28 -10.61
C ALA A 159 -3.79 -4.35 -11.98
N ARG A 160 -4.52 -3.29 -12.34
CA ARG A 160 -5.18 -3.23 -13.65
C ARG A 160 -4.16 -3.16 -14.78
N TYR A 161 -3.08 -2.41 -14.57
CA TYR A 161 -2.02 -2.33 -15.57
C TYR A 161 -1.44 -3.72 -15.81
N ALA A 162 -1.19 -4.46 -14.74
CA ALA A 162 -0.68 -5.83 -14.86
C ALA A 162 -1.64 -6.69 -15.69
N GLN A 163 -2.93 -6.61 -15.40
CA GLN A 163 -3.95 -7.31 -16.16
C GLN A 163 -3.97 -6.89 -17.62
N SER A 164 -3.73 -5.60 -17.87
CA SER A 164 -3.74 -5.05 -19.22
C SER A 164 -2.59 -5.54 -20.12
N ILE A 165 -1.53 -6.09 -19.52
CA ILE A 165 -0.44 -6.61 -20.36
C ILE A 165 -0.31 -8.14 -20.23
N THR A 166 -1.26 -8.77 -19.55
CA THR A 166 -1.24 -10.21 -19.43
C THR A 166 -2.63 -10.74 -19.79
N ARG A 167 -3.50 -10.79 -18.80
CA ARG A 167 -4.80 -11.40 -18.94
C ARG A 167 -5.77 -10.60 -18.07
N GLU A 168 -6.96 -10.30 -18.58
CA GLU A 168 -7.92 -9.53 -17.81
C GLU A 168 -8.20 -10.15 -16.44
N SER A 169 -8.15 -11.48 -16.39
CA SER A 169 -8.46 -12.22 -15.18
C SER A 169 -7.22 -12.65 -14.40
N LEU A 170 -6.07 -12.08 -14.71
CA LEU A 170 -4.84 -12.34 -13.94
C LEU A 170 -5.13 -12.16 -12.46
N ARG A 171 -4.82 -13.18 -11.66
CA ARG A 171 -5.15 -13.10 -10.24
C ARG A 171 -4.11 -12.27 -9.50
N VAL A 172 -4.53 -11.12 -9.01
CA VAL A 172 -3.63 -10.23 -8.29
C VAL A 172 -4.04 -10.15 -6.82
N LEU A 173 -3.10 -10.42 -5.94
CA LEU A 173 -3.31 -10.22 -4.52
C LEU A 173 -2.74 -8.87 -4.12
N ILE A 174 -3.55 -8.05 -3.46
CA ILE A 174 -3.04 -6.84 -2.86
C ILE A 174 -3.05 -6.99 -1.35
N VAL A 175 -1.87 -7.00 -0.74
CA VAL A 175 -1.79 -7.03 0.72
C VAL A 175 -1.48 -5.62 1.18
N ASP A 176 -2.37 -5.04 1.98
CA ASP A 176 -2.27 -3.63 2.38
C ASP A 176 -1.94 -3.56 3.86
N TRP A 177 -0.67 -3.39 4.21
CA TRP A 177 -0.30 -3.37 5.62
C TRP A 177 0.01 -1.96 6.13
N ASP A 178 -0.24 -0.96 5.29
CA ASP A 178 -0.38 0.41 5.79
C ASP A 178 -1.35 0.38 6.99
N VAL A 179 -1.08 1.16 8.03
CA VAL A 179 -1.91 1.12 9.25
C VAL A 179 -3.36 1.59 8.99
N HIS A 180 -3.58 2.30 7.88
CA HIS A 180 -4.93 2.77 7.57
C HIS A 180 -5.62 1.84 6.59
N HIS A 181 -6.95 1.80 6.62
CA HIS A 181 -7.70 1.07 5.60
C HIS A 181 -7.54 1.71 4.22
N GLY A 182 -7.23 0.90 3.21
CA GLY A 182 -7.23 1.36 1.84
C GLY A 182 -8.64 1.39 1.29
N ASN A 183 -9.41 2.39 1.69
CA ASN A 183 -10.81 2.50 1.27
C ASN A 183 -10.99 2.48 -0.24
N GLY A 184 -10.09 3.17 -0.94
CA GLY A 184 -10.20 3.28 -2.38
C GLY A 184 -9.96 1.95 -3.06
N THR A 185 -8.97 1.22 -2.57
CA THR A 185 -8.63 -0.07 -3.15
C THR A 185 -9.78 -1.06 -2.92
N GLN A 186 -10.31 -1.08 -1.71
CA GLN A 186 -11.46 -1.95 -1.42
C GLN A 186 -12.60 -1.67 -2.40
N HIS A 187 -12.95 -0.40 -2.57
CA HIS A 187 -14.10 -0.04 -3.38
C HIS A 187 -13.87 -0.37 -4.85
N ILE A 188 -12.68 -0.03 -5.37
CA ILE A 188 -12.37 -0.29 -6.77
C ILE A 188 -12.56 -1.78 -7.13
N PHE A 189 -12.17 -2.67 -6.23
CA PHE A 189 -12.23 -4.11 -6.53
C PHE A 189 -13.35 -4.84 -5.80
N GLU A 190 -14.29 -4.11 -5.20
CA GLU A 190 -15.23 -4.77 -4.28
C GLU A 190 -16.11 -5.83 -4.95
N GLU A 191 -16.37 -5.66 -6.24
CA GLU A 191 -17.19 -6.61 -6.99
C GLU A 191 -16.34 -7.49 -7.90
N ASP A 192 -15.05 -7.57 -7.60
CA ASP A 192 -14.10 -8.21 -8.50
C ASP A 192 -13.46 -9.44 -7.85
N ASP A 193 -13.50 -10.57 -8.53
CA ASP A 193 -12.90 -11.77 -7.98
C ASP A 193 -11.49 -12.01 -8.56
N SER A 194 -11.01 -11.11 -9.41
CA SER A 194 -9.67 -11.27 -9.99
C SER A 194 -8.62 -10.59 -9.13
N VAL A 195 -9.06 -9.71 -8.24
CA VAL A 195 -8.15 -9.00 -7.37
C VAL A 195 -8.57 -9.23 -5.94
N LEU A 196 -7.75 -9.98 -5.21
CA LEU A 196 -8.01 -10.22 -3.80
C LEU A 196 -7.41 -9.09 -2.99
N TYR A 197 -8.25 -8.37 -2.23
CA TYR A 197 -7.78 -7.29 -1.39
C TYR A 197 -7.76 -7.75 0.06
N ILE A 198 -6.58 -7.73 0.67
CA ILE A 198 -6.43 -8.06 2.10
C ILE A 198 -5.76 -6.89 2.82
N SER A 199 -6.49 -6.27 3.73
CA SER A 199 -5.97 -5.12 4.47
C SER A 199 -5.92 -5.42 5.96
N LEU A 200 -4.81 -5.06 6.60
CA LEU A 200 -4.74 -5.00 8.05
C LEU A 200 -4.72 -3.53 8.41
N HIS A 201 -5.50 -3.10 9.40
CA HIS A 201 -5.57 -1.68 9.70
C HIS A 201 -6.15 -1.40 11.07
N ARG A 202 -5.66 -0.34 11.69
CA ARG A 202 -6.28 0.15 12.89
C ARG A 202 -7.67 0.67 12.52
N TYR A 203 -8.66 0.38 13.37
CA TYR A 203 -10.06 0.64 13.05
C TYR A 203 -10.73 1.40 14.20
N GLU A 204 -10.58 0.87 15.41
CA GLU A 204 -11.16 1.48 16.62
C GLU A 204 -12.64 1.80 16.42
N ASP A 205 -13.36 0.81 15.90
CA ASP A 205 -14.80 0.92 15.68
C ASP A 205 -15.22 2.18 14.93
N GLY A 206 -14.35 2.65 14.04
CA GLY A 206 -14.67 3.80 13.22
C GLY A 206 -14.01 5.09 13.66
N ALA A 207 -13.31 5.09 14.79
CA ALA A 207 -12.68 6.31 15.29
C ALA A 207 -11.37 6.62 14.57
N PHE A 208 -10.76 5.61 13.95
CA PHE A 208 -9.48 5.80 13.28
C PHE A 208 -9.70 6.15 11.80
N PHE A 209 -8.89 7.07 11.28
CA PHE A 209 -9.01 7.46 9.88
C PHE A 209 -8.94 6.22 8.95
N PRO A 210 -9.78 6.15 7.90
CA PRO A 210 -10.71 7.18 7.39
C PRO A 210 -12.15 7.13 7.94
N ASN A 211 -12.35 6.50 9.09
CA ASN A 211 -13.57 6.66 9.89
C ASN A 211 -14.85 6.11 9.26
N SER A 212 -14.73 5.02 8.52
CA SER A 212 -15.90 4.39 7.90
C SER A 212 -16.04 2.94 8.30
N GLU A 213 -17.29 2.49 8.47
CA GLU A 213 -17.54 1.09 8.76
C GLU A 213 -17.24 0.16 7.59
N ASP A 214 -16.93 0.73 6.43
CA ASP A 214 -16.45 -0.03 5.27
C ASP A 214 -15.22 -0.88 5.60
N ALA A 215 -14.48 -0.45 6.62
CA ALA A 215 -13.22 -1.09 6.99
C ALA A 215 -13.43 -2.27 7.94
N ASN A 216 -14.67 -2.56 8.34
CA ASN A 216 -14.89 -3.64 9.31
C ASN A 216 -14.77 -5.04 8.71
N TYR A 217 -14.61 -6.05 9.57
CA TYR A 217 -14.34 -7.41 9.11
C TYR A 217 -15.50 -8.04 8.31
N ASP A 218 -16.69 -7.48 8.49
CA ASP A 218 -17.87 -8.07 7.86
C ASP A 218 -18.10 -7.57 6.44
N LYS A 219 -17.22 -6.70 5.97
CA LYS A 219 -17.30 -6.26 4.59
C LYS A 219 -16.40 -7.19 3.77
N VAL A 220 -17.03 -8.17 3.12
CA VAL A 220 -16.30 -9.28 2.52
C VAL A 220 -16.32 -9.27 1.00
N GLY A 221 -16.93 -8.25 0.41
CA GLY A 221 -17.04 -8.15 -1.03
C GLY A 221 -18.47 -8.27 -1.52
N LEU A 222 -18.69 -7.93 -2.80
CA LEU A 222 -20.01 -7.91 -3.40
C LEU A 222 -20.07 -8.72 -4.69
N GLY A 223 -21.23 -9.31 -4.97
CA GLY A 223 -21.43 -10.02 -6.24
C GLY A 223 -20.42 -11.13 -6.44
N LYS A 224 -19.80 -11.16 -7.61
CA LYS A 224 -18.80 -12.19 -7.88
C LYS A 224 -17.56 -11.98 -7.01
N GLY A 225 -17.40 -10.77 -6.49
CA GLY A 225 -16.30 -10.43 -5.59
C GLY A 225 -16.52 -10.83 -4.14
N ARG A 226 -17.60 -11.54 -3.87
CA ARG A 226 -17.89 -11.90 -2.49
C ARG A 226 -16.89 -12.91 -1.97
N GLY A 227 -16.24 -12.58 -0.85
CA GLY A 227 -15.14 -13.38 -0.32
C GLY A 227 -13.76 -12.86 -0.70
N TYR A 228 -13.68 -11.94 -1.65
CA TYR A 228 -12.38 -11.46 -2.17
C TYR A 228 -12.00 -10.10 -1.59
N ASN A 229 -12.64 -9.74 -0.49
CA ASN A 229 -12.29 -8.56 0.27
C ASN A 229 -12.12 -8.96 1.72
N VAL A 230 -10.89 -8.86 2.23
CA VAL A 230 -10.58 -9.33 3.57
C VAL A 230 -10.08 -8.17 4.43
N ASN A 231 -10.91 -7.72 5.38
CA ASN A 231 -10.53 -6.64 6.30
C ASN A 231 -10.17 -7.20 7.66
N ILE A 232 -8.98 -6.87 8.14
CA ILE A 232 -8.52 -7.29 9.47
C ILE A 232 -8.34 -6.02 10.29
N PRO A 233 -9.39 -5.65 11.03
CA PRO A 233 -9.45 -4.39 11.78
C PRO A 233 -8.95 -4.53 13.21
N TRP A 234 -8.09 -3.62 13.64
CA TRP A 234 -7.59 -3.64 15.02
C TRP A 234 -8.37 -2.65 15.88
N ASN A 235 -8.70 -3.08 17.10
CA ASN A 235 -9.39 -2.25 18.10
C ASN A 235 -8.71 -2.37 19.46
N GLY A 236 -8.72 -1.29 20.23
CA GLY A 236 -8.16 -1.33 21.56
C GLY A 236 -6.68 -1.07 21.58
N GLY A 237 -6.23 -0.02 20.90
CA GLY A 237 -4.85 0.42 21.02
C GLY A 237 -3.73 -0.38 20.35
N LYS A 238 -2.52 -0.21 20.85
CA LYS A 238 -1.32 -0.55 20.09
C LYS A 238 -1.16 -2.03 19.80
N MET A 239 -0.78 -2.32 18.56
CA MET A 239 -0.48 -3.66 18.09
C MET A 239 0.96 -3.69 17.58
N GLY A 240 1.53 -4.88 17.46
CA GLY A 240 2.91 -5.00 17.05
C GLY A 240 3.19 -6.28 16.30
N ASP A 241 4.45 -6.71 16.33
CA ASP A 241 4.86 -7.91 15.62
C ASP A 241 4.03 -9.15 15.99
N PRO A 242 3.75 -9.38 17.30
CA PRO A 242 2.98 -10.60 17.59
C PRO A 242 1.64 -10.65 16.86
N GLU A 243 0.91 -9.53 16.89
CA GLU A 243 -0.41 -9.47 16.29
C GLU A 243 -0.34 -9.55 14.77
N TYR A 244 0.64 -8.90 14.17
CA TYR A 244 0.76 -8.95 12.71
C TYR A 244 1.23 -10.34 12.26
N MET A 245 2.16 -10.96 12.98
CA MET A 245 2.58 -12.31 12.61
C MET A 245 1.41 -13.30 12.72
N ALA A 246 0.57 -13.13 13.75
CA ALA A 246 -0.59 -14.00 13.96
C ALA A 246 -1.63 -13.83 12.86
N ALA A 247 -1.89 -12.59 12.48
CA ALA A 247 -2.81 -12.31 11.39
C ALA A 247 -2.31 -12.92 10.08
N PHE A 248 -1.00 -12.88 9.85
CA PHE A 248 -0.45 -13.51 8.64
C PHE A 248 -0.54 -15.03 8.72
N HIS A 249 -0.29 -15.59 9.90
CA HIS A 249 -0.35 -17.03 10.11
C HIS A 249 -1.76 -17.60 9.92
N HIS A 250 -2.75 -16.96 10.55
CA HIS A 250 -4.11 -17.50 10.58
C HIS A 250 -4.97 -17.09 9.40
N LEU A 251 -4.65 -15.95 8.78
CA LEU A 251 -5.55 -15.34 7.81
C LEU A 251 -4.89 -15.04 6.47
N VAL A 252 -3.95 -14.10 6.46
CA VAL A 252 -3.37 -13.64 5.19
C VAL A 252 -2.77 -14.78 4.36
N MET A 253 -1.93 -15.59 4.99
CA MET A 253 -1.23 -16.61 4.21
C MET A 253 -2.13 -17.79 3.79
N PRO A 254 -2.99 -18.30 4.71
CA PRO A 254 -3.88 -19.39 4.24
C PRO A 254 -4.80 -18.94 3.10
N ILE A 255 -5.38 -17.76 3.21
CA ILE A 255 -6.26 -17.24 2.17
C ILE A 255 -5.47 -16.99 0.87
N ALA A 256 -4.31 -16.36 0.98
CA ALA A 256 -3.46 -16.09 -0.18
C ALA A 256 -3.08 -17.38 -0.92
N ARG A 257 -2.68 -18.41 -0.18
CA ARG A 257 -2.32 -19.68 -0.79
C ARG A 257 -3.52 -20.30 -1.54
N GLU A 258 -4.69 -20.23 -0.94
CA GLU A 258 -5.89 -20.75 -1.59
C GLU A 258 -6.28 -19.93 -2.84
N PHE A 259 -6.02 -18.63 -2.81
CA PHE A 259 -6.30 -17.77 -3.96
C PHE A 259 -5.30 -18.03 -5.10
N ALA A 260 -4.08 -18.40 -4.73
CA ALA A 260 -3.01 -18.68 -5.68
C ALA A 260 -2.76 -17.50 -6.63
N PRO A 261 -2.35 -16.35 -6.08
CA PRO A 261 -2.16 -15.18 -6.94
C PRO A 261 -1.04 -15.39 -7.95
N GLU A 262 -1.14 -14.70 -9.08
CA GLU A 262 -0.10 -14.74 -10.11
C GLU A 262 0.81 -13.51 -9.98
N LEU A 263 0.41 -12.58 -9.11
CA LEU A 263 1.20 -11.40 -8.83
C LEU A 263 0.78 -10.87 -7.46
N VAL A 264 1.76 -10.52 -6.63
CA VAL A 264 1.46 -9.90 -5.35
C VAL A 264 1.91 -8.44 -5.32
N LEU A 265 0.97 -7.55 -4.97
CA LEU A 265 1.27 -6.15 -4.75
C LEU A 265 1.15 -5.88 -3.27
N VAL A 266 2.13 -5.20 -2.70
CA VAL A 266 2.03 -4.79 -1.31
C VAL A 266 1.80 -3.29 -1.25
N SER A 267 0.66 -2.88 -0.72
CA SER A 267 0.45 -1.48 -0.34
C SER A 267 1.17 -1.31 0.97
N ALA A 268 2.44 -0.93 0.85
CA ALA A 268 3.36 -1.01 1.97
C ALA A 268 3.53 0.34 2.62
N GLY A 269 2.54 0.74 3.40
CA GLY A 269 2.69 1.88 4.26
C GLY A 269 3.51 1.40 5.44
N PHE A 270 4.33 2.27 6.01
CA PHE A 270 5.08 1.86 7.18
C PHE A 270 4.65 2.72 8.36
N ASP A 271 3.35 3.03 8.41
CA ASP A 271 2.84 3.81 9.53
C ASP A 271 2.32 2.93 10.66
N ALA A 272 2.40 1.61 10.53
CA ALA A 272 2.18 0.75 11.69
C ALA A 272 3.50 0.53 12.43
N ALA A 273 4.54 1.24 12.00
CA ALA A 273 5.88 1.07 12.58
C ALA A 273 6.02 1.71 13.95
N ARG A 274 6.79 1.05 14.80
CA ARG A 274 7.30 1.64 16.03
C ARG A 274 7.82 3.05 15.76
N GLY A 275 7.29 4.04 16.46
CA GLY A 275 7.72 5.41 16.25
C GLY A 275 6.83 6.28 15.37
N ASP A 276 5.89 5.69 14.63
CA ASP A 276 5.03 6.49 13.76
C ASP A 276 4.05 7.34 14.57
N PRO A 277 4.03 8.65 14.31
CA PRO A 277 3.14 9.55 15.08
C PRO A 277 1.66 9.37 14.75
N LEU A 278 1.36 8.87 13.56
CA LEU A 278 -0.04 8.69 13.15
C LEU A 278 -0.59 7.34 13.56
N GLY A 279 0.21 6.29 13.40
CA GLY A 279 -0.27 4.93 13.60
C GLY A 279 -0.39 4.49 15.04
N GLY A 280 0.57 4.87 15.86
CA GLY A 280 0.55 4.48 17.27
C GLY A 280 0.79 3.00 17.53
N PHE A 281 1.33 2.29 16.54
CA PHE A 281 1.63 0.87 16.66
C PHE A 281 3.14 0.63 16.80
N GLN A 282 3.54 -0.63 16.90
CA GLN A 282 4.95 -0.94 17.19
C GLN A 282 5.50 -2.12 16.38
N VAL A 283 5.08 -2.24 15.12
CA VAL A 283 5.70 -3.23 14.23
C VAL A 283 7.15 -2.82 14.00
N THR A 284 8.06 -3.78 14.06
CA THR A 284 9.49 -3.49 14.00
C THR A 284 10.01 -3.70 12.58
N PRO A 285 11.21 -3.18 12.28
CA PRO A 285 11.77 -3.46 10.95
C PRO A 285 11.92 -4.97 10.70
N GLU A 286 12.30 -5.69 11.74
CA GLU A 286 12.38 -7.15 11.66
C GLU A 286 11.01 -7.77 11.39
N GLY A 287 9.99 -7.23 12.03
CA GLY A 287 8.63 -7.68 11.76
C GLY A 287 8.28 -7.49 10.30
N TYR A 288 8.55 -6.31 9.74
CA TYR A 288 8.25 -6.08 8.32
C TYR A 288 9.04 -7.02 7.42
N ALA A 289 10.27 -7.34 7.81
CA ALA A 289 11.08 -8.30 7.08
C ALA A 289 10.38 -9.67 7.03
N HIS A 290 9.90 -10.15 8.17
CA HIS A 290 9.22 -11.45 8.18
C HIS A 290 7.93 -11.43 7.37
N LEU A 291 7.20 -10.32 7.41
CA LEU A 291 5.97 -10.23 6.60
C LEU A 291 6.32 -10.32 5.13
N THR A 292 7.36 -9.62 4.73
CA THR A 292 7.82 -9.65 3.35
C THR A 292 8.21 -11.07 2.95
N HIS A 293 9.06 -11.68 3.79
CA HIS A 293 9.58 -13.02 3.51
C HIS A 293 8.44 -14.02 3.35
N GLN A 294 7.37 -13.89 4.12
CA GLN A 294 6.22 -14.77 3.94
C GLN A 294 5.54 -14.56 2.57
N LEU A 295 5.35 -13.31 2.19
CA LEU A 295 4.70 -13.04 0.91
C LEU A 295 5.52 -13.51 -0.29
N MET A 296 6.83 -13.64 -0.12
CA MET A 296 7.70 -14.10 -1.19
C MET A 296 7.44 -15.57 -1.57
N SER A 297 6.74 -16.31 -0.71
CA SER A 297 6.40 -17.72 -0.98
C SER A 297 5.24 -17.84 -1.97
N LEU A 298 4.63 -16.71 -2.31
CA LEU A 298 3.48 -16.68 -3.23
C LEU A 298 3.88 -16.26 -4.64
N ALA A 299 3.03 -16.59 -5.61
CA ALA A 299 3.15 -16.08 -6.99
C ALA A 299 4.54 -16.28 -7.59
N ALA A 300 5.16 -17.42 -7.27
CA ALA A 300 6.53 -17.73 -7.71
C ALA A 300 7.50 -16.59 -7.37
N GLY A 301 7.22 -15.88 -6.28
CA GLY A 301 8.09 -14.82 -5.81
C GLY A 301 7.84 -13.46 -6.44
N ARG A 302 6.80 -13.35 -7.27
CA ARG A 302 6.54 -12.10 -7.96
C ARG A 302 5.82 -11.12 -7.05
N VAL A 303 6.61 -10.30 -6.36
CA VAL A 303 6.10 -9.37 -5.35
C VAL A 303 6.64 -7.98 -5.65
N LEU A 304 5.75 -6.99 -5.62
CA LEU A 304 6.10 -5.58 -5.80
C LEU A 304 5.67 -4.81 -4.56
N ILE A 305 6.64 -4.20 -3.88
CA ILE A 305 6.38 -3.48 -2.63
C ILE A 305 6.25 -2.01 -2.95
N ILE A 306 5.06 -1.45 -2.67
CA ILE A 306 4.79 -0.06 -3.03
C ILE A 306 4.61 0.78 -1.78
N LEU A 307 5.46 1.79 -1.63
CA LEU A 307 5.36 2.70 -0.49
C LEU A 307 4.01 3.41 -0.45
N GLU A 308 3.32 3.34 0.68
CA GLU A 308 2.10 4.11 0.87
C GLU A 308 2.41 5.18 1.94
N GLY A 309 1.80 5.05 3.12
CA GLY A 309 2.09 5.93 4.24
C GLY A 309 3.31 5.55 5.06
N GLY A 310 3.43 6.10 6.26
CA GLY A 310 4.61 5.92 7.08
C GLY A 310 5.32 7.27 7.23
N PHE A 311 5.45 7.77 8.45
CA PHE A 311 5.79 9.19 8.63
C PHE A 311 6.91 9.48 9.61
N ASN A 312 7.40 8.44 10.29
CA ASN A 312 8.65 8.60 11.06
C ASN A 312 9.77 8.30 10.08
N LEU A 313 10.58 9.32 9.74
CA LEU A 313 11.57 9.15 8.67
C LEU A 313 12.54 8.01 8.96
N THR A 314 12.99 7.88 10.21
CA THR A 314 13.90 6.80 10.53
C THR A 314 13.21 5.44 10.46
N SER A 315 12.01 5.37 11.02
CA SER A 315 11.24 4.11 11.02
C SER A 315 10.98 3.60 9.61
N ILE A 316 10.55 4.49 8.71
CA ILE A 316 10.19 4.03 7.37
C ILE A 316 11.45 3.68 6.60
N SER A 317 12.55 4.36 6.88
CA SER A 317 13.79 4.07 6.17
C SER A 317 14.32 2.69 6.58
N GLU A 318 14.34 2.43 7.89
CA GLU A 318 14.78 1.12 8.38
C GLU A 318 13.84 0.01 7.92
N SER A 319 12.54 0.28 8.00
CA SER A 319 11.55 -0.78 7.73
C SER A 319 11.53 -1.17 6.27
N MET A 320 11.51 -0.18 5.37
CA MET A 320 11.44 -0.53 3.96
C MET A 320 12.76 -1.14 3.48
N SER A 321 13.88 -0.69 4.02
CA SER A 321 15.18 -1.29 3.70
C SER A 321 15.19 -2.79 4.07
N MET A 322 14.62 -3.13 5.21
CA MET A 322 14.53 -4.52 5.63
C MET A 322 13.69 -5.37 4.68
N CYS A 323 12.63 -4.77 4.12
CA CYS A 323 11.82 -5.45 3.11
C CYS A 323 12.64 -5.72 1.85
N THR A 324 13.39 -4.73 1.39
CA THR A 324 14.20 -4.92 0.20
C THR A 324 15.30 -5.99 0.42
N SER A 325 15.90 -5.97 1.61
CA SER A 325 16.84 -7.01 2.02
C SER A 325 16.26 -8.42 1.88
N MET A 326 15.02 -8.62 2.33
CA MET A 326 14.34 -9.90 2.14
C MET A 326 14.12 -10.23 0.65
N LEU A 327 13.63 -9.25 -0.11
CA LEU A 327 13.44 -9.45 -1.55
C LEU A 327 14.72 -9.92 -2.23
N LEU A 328 15.86 -9.38 -1.77
CA LEU A 328 17.17 -9.70 -2.34
C LEU A 328 17.68 -11.08 -1.93
N GLY A 329 16.94 -11.75 -1.06
CA GLY A 329 17.25 -13.11 -0.67
C GLY A 329 18.04 -13.25 0.63
N ASP A 330 18.18 -12.17 1.39
CA ASP A 330 18.88 -12.22 2.67
C ASP A 330 18.06 -13.01 3.71
N SER A 331 18.76 -13.62 4.66
CA SER A 331 18.12 -14.41 5.71
C SER A 331 17.30 -13.51 6.62
N PRO A 332 16.08 -13.92 6.95
CA PRO A 332 15.24 -13.16 7.87
C PRO A 332 15.94 -12.95 9.20
N PRO A 333 15.83 -11.75 9.79
CA PRO A 333 16.48 -11.46 11.07
C PRO A 333 15.77 -12.24 12.18
N SER A 334 16.40 -12.38 13.34
CA SER A 334 15.75 -13.10 14.42
C SER A 334 14.56 -12.30 14.92
N LEU A 335 13.51 -13.01 15.31
CA LEU A 335 12.27 -12.38 15.75
C LEU A 335 11.80 -13.00 17.05
N HIS A 337 7.09 -11.75 17.11
CA HIS A 337 6.17 -12.83 17.45
C HIS A 337 6.40 -13.25 18.88
N LEU A 338 7.14 -12.43 19.60
CA LEU A 338 7.73 -12.76 20.90
C LEU A 338 6.75 -12.92 22.08
N THR A 339 5.52 -12.47 21.90
CA THR A 339 4.63 -12.29 23.04
C THR A 339 3.21 -12.81 22.73
N PRO A 340 2.46 -13.25 23.77
CA PRO A 340 1.03 -13.57 23.57
C PRO A 340 0.27 -12.34 23.02
N LEU A 341 -0.77 -12.55 22.23
CA LEU A 341 -1.50 -11.43 21.62
C LEU A 341 -2.30 -10.64 22.61
N LYS A 342 -2.47 -9.35 22.33
CA LYS A 342 -3.44 -8.57 23.05
C LYS A 342 -4.79 -9.23 22.80
N THR A 343 -5.63 -9.26 23.84
CA THR A 343 -6.86 -10.02 23.75
C THR A 343 -7.79 -9.51 22.64
N SER A 344 -7.83 -8.20 22.42
CA SER A 344 -8.68 -7.66 21.36
C SER A 344 -8.20 -8.09 19.96
N ALA A 345 -6.92 -8.38 19.84
CA ALA A 345 -6.39 -8.86 18.57
C ALA A 345 -6.86 -10.29 18.28
N THR A 346 -6.94 -11.10 19.33
CA THR A 346 -7.49 -12.44 19.19
C THR A 346 -8.95 -12.36 18.75
N VAL A 347 -9.68 -11.40 19.32
CA VAL A 347 -11.07 -11.20 18.96
C VAL A 347 -11.19 -10.77 17.49
N SER A 348 -10.35 -9.82 17.09
CA SER A 348 -10.31 -9.39 15.68
C SER A 348 -10.08 -10.55 14.73
N ILE A 349 -9.03 -11.31 15.00
CA ILE A 349 -8.67 -12.42 14.11
C ILE A 349 -9.81 -13.44 14.05
N ASN A 350 -10.40 -13.76 15.20
CA ASN A 350 -11.54 -14.68 15.24
C ASN A 350 -12.76 -14.16 14.49
N ASN A 351 -12.99 -12.85 14.55
CA ASN A 351 -14.08 -12.23 13.80
C ASN A 351 -13.88 -12.37 12.29
N VAL A 352 -12.64 -12.19 11.82
CA VAL A 352 -12.37 -12.30 10.39
C VAL A 352 -12.50 -13.76 9.96
N LEU A 353 -12.02 -14.68 10.79
CA LEU A 353 -12.13 -16.09 10.51
C LEU A 353 -13.60 -16.51 10.35
N ARG A 354 -14.45 -16.00 11.22
CA ARG A 354 -15.87 -16.32 11.15
C ARG A 354 -16.49 -15.71 9.89
N ALA A 355 -16.06 -14.50 9.56
CA ALA A 355 -16.58 -13.81 8.40
C ALA A 355 -16.19 -14.49 7.09
N HIS A 356 -15.02 -15.12 7.06
CA HIS A 356 -14.50 -15.61 5.78
C HIS A 356 -14.45 -17.13 5.63
N ALA A 357 -14.71 -17.86 6.71
CA ALA A 357 -14.85 -19.33 6.60
C ALA A 357 -15.89 -19.79 5.56
N PRO A 358 -16.99 -19.03 5.35
CA PRO A 358 -17.89 -19.47 4.26
C PRO A 358 -17.25 -19.46 2.87
N PHE A 359 -16.16 -18.72 2.70
CA PHE A 359 -15.60 -18.50 1.38
C PHE A 359 -14.26 -19.21 1.16
N TRP A 360 -13.54 -19.49 2.25
CA TRP A 360 -12.21 -20.09 2.13
C TRP A 360 -12.11 -21.39 2.93
N SER A 361 -11.96 -22.51 2.24
CA SER A 361 -11.92 -23.83 2.89
C SER A 361 -10.75 -23.93 3.87
N SER A 362 -9.68 -23.17 3.61
CA SER A 362 -8.50 -23.21 4.47
C SER A 362 -8.77 -22.64 5.88
N LEU A 363 -9.88 -21.95 6.05
CA LEU A 363 -10.19 -21.35 7.35
C LEU A 363 -11.12 -22.25 8.16
N ARG A 364 -11.49 -23.38 7.57
CA ARG A 364 -12.43 -24.28 8.22
C ARG A 364 -11.73 -25.49 8.83
CA SER B 1 -12.30 13.61 10.36
C SER B 1 -10.95 13.54 9.64
N ASP B 2 -9.99 14.31 10.13
CA ASP B 2 -8.70 14.51 9.47
C ASP B 2 -7.69 13.39 9.72
#